data_3EQB
#
_entry.id   3EQB
#
_cell.length_a   82.128
_cell.length_b   82.128
_cell.length_c   129.099
_cell.angle_alpha   90.00
_cell.angle_beta   90.00
_cell.angle_gamma   120.00
#
_symmetry.space_group_name_H-M   'P 62'
#
loop_
_entity.id
_entity.type
_entity.pdbx_description
1 polymer 'Dual specificity mitogen-activated protein kinase kinase 1'
2 non-polymer "ADENOSINE-5'-TRIPHOSPHATE"
3 non-polymer 'MAGNESIUM ION'
4 non-polymer N-(5-{3,4-difluoro-2-[(2-fluoro-4-iodophenyl)amino]phenyl}-1,3,4-oxadiazol-2-yl)ethane-1,2-diamine
5 water water
#
_entity_poly.entity_id   1
_entity_poly.type   'polypeptide(L)'
_entity_poly.pdbx_seq_one_letter_code
;MELKDDDFEKISELGAGNGGVVFKVSHKPSGLVMARKLIHLEIKPAIRNQIIRELQVLHECNSPYIVGFYGAFYSDGEIS
ICMEHMDGGSLDQVLKKAGRIPEQILGKVSIAVIKGLTYLREKHKIMHRDVKPSNILVNSRGEIKLCDFGVSGQLIDSMA
NSFVGTRSYMSPERLQGTHYSVQSDIWSMGLSLVEMAVGRYPIPPPDAKELELMFGCQVEGDAAETPPRPRTPGRPLSSY
GMDSRPPMAIFELLDYIVNEPPPKLPSGVFSLEFQDFVNKCLIKNPAERADLKQLMVHAFIKRSDAEEVDFAGWLCSTIG
LNQPSTPTHAAGV
;
_entity_poly.pdbx_strand_id   A
#
# COMPACT_ATOMS: atom_id res chain seq x y z
N MET A 1 -25.60 2.38 10.73
CA MET A 1 -25.95 3.81 10.74
C MET A 1 -25.29 4.53 9.56
N GLU A 2 -26.05 5.38 8.86
CA GLU A 2 -25.53 6.12 7.72
CA GLU A 2 -25.56 6.15 7.73
C GLU A 2 -24.61 7.25 8.16
N LEU A 3 -23.58 7.49 7.37
CA LEU A 3 -22.65 8.59 7.64
C LEU A 3 -23.12 9.83 6.87
N LYS A 4 -23.01 10.98 7.52
CA LYS A 4 -23.43 12.26 6.98
C LYS A 4 -22.31 13.27 7.24
N ASP A 5 -22.27 14.35 6.47
CA ASP A 5 -21.20 15.33 6.63
C ASP A 5 -21.22 16.02 7.98
N ASP A 6 -22.42 16.30 8.50
CA ASP A 6 -22.54 17.17 9.69
C ASP A 6 -22.28 16.41 10.99
N ASP A 7 -22.39 15.09 10.94
CA ASP A 7 -22.13 14.23 12.10
C ASP A 7 -20.66 14.08 12.46
N PHE A 8 -19.77 14.79 11.76
CA PHE A 8 -18.33 14.65 11.99
C PHE A 8 -17.72 15.91 12.57
N GLU A 9 -16.48 15.81 13.02
CA GLU A 9 -15.75 16.96 13.52
C GLU A 9 -14.26 16.69 13.43
N LYS A 10 -13.50 17.61 12.85
CA LYS A 10 -12.09 17.37 12.66
C LYS A 10 -11.32 17.33 13.96
N ILE A 11 -10.46 16.33 14.11
CA ILE A 11 -9.56 16.26 15.23
C ILE A 11 -8.18 16.80 14.81
N SER A 12 -7.60 16.16 13.81
CA SER A 12 -6.34 16.61 13.23
C SER A 12 -6.19 16.14 11.78
N GLU A 13 -4.98 16.23 11.28
CA GLU A 13 -4.68 15.89 9.89
C GLU A 13 -3.67 14.76 9.84
N LEU A 14 -3.97 13.68 9.13
CA LEU A 14 -3.07 12.52 9.10
C LEU A 14 -2.12 12.50 7.91
N GLY A 15 -2.26 13.47 7.02
CA GLY A 15 -1.44 13.50 5.82
C GLY A 15 -2.31 13.74 4.60
N ALA A 16 -1.67 13.99 3.45
CA ALA A 16 -2.41 14.13 2.19
C ALA A 16 -1.53 13.73 1.00
N GLY A 17 -2.08 13.85 -0.21
CA GLY A 17 -1.23 13.84 -1.38
C GLY A 17 -1.83 13.48 -2.73
N ASN A 18 -2.37 14.46 -3.45
CA ASN A 18 -2.74 14.24 -4.86
C ASN A 18 -4.20 13.91 -5.19
N GLY A 19 -5.14 14.52 -4.47
CA GLY A 19 -6.55 14.22 -4.69
C GLY A 19 -7.50 14.86 -3.69
N GLY A 20 -7.37 14.49 -2.40
CA GLY A 20 -6.39 13.51 -1.92
C GLY A 20 -5.84 13.94 -0.57
N VAL A 21 -6.62 13.73 0.49
CA VAL A 21 -6.29 14.27 1.82
C VAL A 21 -7.15 13.69 2.96
N VAL A 22 -6.51 13.47 4.10
CA VAL A 22 -7.06 12.58 5.13
C VAL A 22 -6.99 13.14 6.55
N PHE A 23 -8.15 13.16 7.20
CA PHE A 23 -8.25 13.68 8.57
C PHE A 23 -8.59 12.58 9.59
N LYS A 24 -8.03 12.74 10.80
CA LYS A 24 -8.45 11.99 11.97
C LYS A 24 -9.70 12.69 12.43
N VAL A 25 -10.81 11.98 12.48
CA VAL A 25 -12.06 12.63 12.82
C VAL A 25 -12.82 11.95 13.92
N SER A 26 -13.86 12.62 14.37
CA SER A 26 -14.71 12.10 15.41
C SER A 26 -16.11 12.02 14.85
N HIS A 27 -16.69 10.84 14.89
CA HIS A 27 -18.05 10.65 14.44
C HIS A 27 -18.96 10.87 15.64
N LYS A 28 -19.52 12.07 15.75
CA LYS A 28 -20.19 12.44 16.99
C LYS A 28 -21.22 11.43 17.44
N PRO A 29 -22.10 11.00 16.55
CA PRO A 29 -23.17 10.12 16.98
C PRO A 29 -22.69 8.82 17.65
N SER A 30 -21.54 8.32 17.22
CA SER A 30 -21.11 7.00 17.65
C SER A 30 -19.99 7.05 18.66
N GLY A 31 -19.19 8.11 18.59
CA GLY A 31 -18.05 8.27 19.47
C GLY A 31 -16.74 7.83 18.85
N LEU A 32 -16.82 7.02 17.77
CA LEU A 32 -15.62 6.44 17.16
C LEU A 32 -14.72 7.48 16.57
N VAL A 33 -13.42 7.26 16.68
CA VAL A 33 -12.50 8.00 15.86
C VAL A 33 -12.32 7.28 14.53
N MET A 34 -12.34 8.05 13.46
CA MET A 34 -12.26 7.51 12.12
C MET A 34 -11.19 8.26 11.34
N ALA A 35 -10.82 7.69 10.19
CA ALA A 35 -10.00 8.41 9.22
C ALA A 35 -10.95 8.77 8.11
N ARG A 36 -11.03 10.05 7.78
CA ARG A 36 -11.89 10.48 6.71
C ARG A 36 -11.01 10.93 5.56
N LYS A 37 -11.19 10.29 4.41
CA LYS A 37 -10.48 10.69 3.20
C LYS A 37 -11.42 11.44 2.28
N LEU A 38 -10.96 12.63 1.86
CA LEU A 38 -11.71 13.48 0.95
C LEU A 38 -11.09 13.47 -0.45
N ILE A 39 -11.89 13.11 -1.44
CA ILE A 39 -11.45 13.15 -2.83
C ILE A 39 -12.26 14.15 -3.62
N HIS A 40 -11.59 15.20 -4.08
CA HIS A 40 -12.27 16.22 -4.85
C HIS A 40 -12.57 15.74 -6.27
N LEU A 41 -13.82 15.90 -6.70
CA LEU A 41 -14.24 15.44 -8.02
C LEU A 41 -15.35 16.30 -8.61
N GLU A 42 -15.00 17.16 -9.55
CA GLU A 42 -15.97 17.94 -10.30
C GLU A 42 -16.67 17.02 -11.31
N ILE A 43 -17.91 16.64 -11.03
CA ILE A 43 -18.55 15.65 -11.87
C ILE A 43 -20.06 15.61 -11.66
N LYS A 44 -20.75 14.98 -12.60
CA LYS A 44 -22.20 15.00 -12.64
C LYS A 44 -22.81 13.97 -11.72
N PRO A 45 -23.84 14.39 -10.98
CA PRO A 45 -24.58 13.47 -10.13
C PRO A 45 -24.60 12.06 -10.71
N ALA A 46 -25.23 11.88 -11.86
CA ALA A 46 -25.33 10.55 -12.47
C ALA A 46 -24.19 9.64 -12.00
N ILE A 47 -22.95 10.06 -12.26
CA ILE A 47 -21.80 9.24 -11.94
C ILE A 47 -21.53 9.20 -10.43
N ARG A 48 -21.21 10.36 -9.86
CA ARG A 48 -20.92 10.42 -8.43
C ARG A 48 -22.07 9.92 -7.57
N ASN A 49 -22.91 9.06 -8.14
CA ASN A 49 -23.88 8.30 -7.37
C ASN A 49 -23.49 6.86 -7.58
N GLN A 50 -23.06 6.59 -8.80
CA GLN A 50 -22.47 5.31 -9.16
C GLN A 50 -21.25 5.05 -8.28
N ILE A 51 -20.32 6.00 -8.27
CA ILE A 51 -19.12 5.89 -7.45
C ILE A 51 -19.48 5.49 -6.02
N ILE A 52 -20.25 6.35 -5.37
CA ILE A 52 -20.79 6.02 -4.06
C ILE A 52 -21.43 4.64 -4.09
N ARG A 53 -22.14 4.32 -5.17
CA ARG A 53 -22.86 3.07 -5.21
C ARG A 53 -21.90 1.91 -5.28
N GLU A 54 -20.77 2.14 -5.95
CA GLU A 54 -19.74 1.11 -6.12
C GLU A 54 -18.86 0.94 -4.88
N LEU A 55 -18.81 1.96 -4.02
CA LEU A 55 -18.00 1.92 -2.82
C LEU A 55 -18.65 1.11 -1.71
N GLN A 56 -19.94 0.83 -1.85
CA GLN A 56 -20.67 0.04 -0.85
C GLN A 56 -20.13 -1.37 -0.69
N VAL A 57 -19.46 -1.89 -1.72
CA VAL A 57 -18.90 -3.23 -1.61
C VAL A 57 -17.84 -3.26 -0.52
N LEU A 58 -17.24 -2.11 -0.24
CA LEU A 58 -16.31 -2.03 0.88
C LEU A 58 -16.92 -2.51 2.22
N HIS A 59 -18.24 -2.41 2.38
CA HIS A 59 -18.90 -2.93 3.58
C HIS A 59 -18.71 -4.43 3.67
N GLU A 60 -18.68 -5.07 2.50
CA GLU A 60 -18.50 -6.52 2.39
C GLU A 60 -17.03 -6.95 2.43
N CYS A 61 -16.11 -5.99 2.52
CA CYS A 61 -14.67 -6.33 2.59
C CYS A 61 -14.17 -6.54 4.01
N ASN A 62 -14.26 -7.77 4.50
CA ASN A 62 -13.88 -8.08 5.87
C ASN A 62 -12.71 -9.06 5.96
N SER A 63 -11.58 -8.58 6.48
CA SER A 63 -10.36 -9.36 6.53
C SER A 63 -9.39 -8.71 7.48
N PRO A 64 -8.70 -9.52 8.30
CA PRO A 64 -7.74 -8.94 9.25
C PRO A 64 -6.63 -8.17 8.53
N TYR A 65 -6.55 -8.29 7.21
CA TYR A 65 -5.49 -7.64 6.46
C TYR A 65 -6.00 -6.49 5.57
N ILE A 66 -7.29 -6.17 5.70
CA ILE A 66 -7.90 -5.07 4.97
C ILE A 66 -8.41 -4.00 5.92
N VAL A 67 -7.99 -2.76 5.69
CA VAL A 67 -8.45 -1.64 6.48
C VAL A 67 -9.98 -1.57 6.50
N GLY A 68 -10.55 -1.44 7.71
CA GLY A 68 -11.98 -1.45 7.93
C GLY A 68 -12.66 -0.24 7.34
N PHE A 69 -13.88 -0.42 6.85
CA PHE A 69 -14.66 0.59 6.16
C PHE A 69 -15.94 0.89 6.94
N TYR A 70 -16.32 2.17 7.04
CA TYR A 70 -17.55 2.56 7.74
C TYR A 70 -18.64 3.09 6.82
N GLY A 71 -18.25 3.92 5.84
CA GLY A 71 -19.17 4.37 4.81
C GLY A 71 -18.61 5.46 3.92
N ALA A 72 -19.29 5.70 2.80
CA ALA A 72 -18.93 6.77 1.89
C ALA A 72 -20.14 7.63 1.56
N PHE A 73 -19.88 8.92 1.34
CA PHE A 73 -20.95 9.84 0.99
C PHE A 73 -20.36 11.00 0.18
N TYR A 74 -21.23 11.81 -0.42
CA TYR A 74 -20.78 12.96 -1.19
C TYR A 74 -21.23 14.23 -0.49
N SER A 75 -20.36 15.24 -0.47
CA SER A 75 -20.66 16.47 0.22
C SER A 75 -19.92 17.66 -0.39
N ASP A 76 -20.69 18.51 -1.06
CA ASP A 76 -20.20 19.68 -1.81
C ASP A 76 -18.82 19.53 -2.44
N GLY A 77 -18.80 18.85 -3.59
CA GLY A 77 -17.60 18.78 -4.42
C GLY A 77 -16.53 17.84 -3.90
N GLU A 78 -16.91 16.93 -2.99
CA GLU A 78 -15.98 15.96 -2.43
C GLU A 78 -16.67 14.65 -2.08
N ILE A 79 -16.11 13.53 -2.48
CA ILE A 79 -16.62 12.26 -1.98
C ILE A 79 -15.72 11.86 -0.82
N SER A 80 -16.34 11.28 0.22
CA SER A 80 -15.66 10.98 1.47
C SER A 80 -15.70 9.50 1.68
N ILE A 81 -14.55 8.93 2.01
CA ILE A 81 -14.48 7.53 2.40
C ILE A 81 -13.97 7.47 3.84
N CYS A 82 -14.76 6.86 4.71
CA CYS A 82 -14.43 6.78 6.12
C CYS A 82 -13.92 5.41 6.53
N MET A 83 -12.77 5.39 7.18
CA MET A 83 -12.16 4.13 7.53
C MET A 83 -11.65 4.10 8.97
N GLU A 84 -11.41 2.89 9.45
CA GLU A 84 -10.68 2.64 10.67
C GLU A 84 -9.46 3.56 10.73
N HIS A 85 -9.28 4.25 11.85
CA HIS A 85 -8.06 5.01 12.06
C HIS A 85 -6.97 4.01 12.45
N MET A 86 -5.86 3.99 11.73
CA MET A 86 -4.77 3.10 12.10
C MET A 86 -3.69 3.95 12.75
N ASP A 87 -3.50 3.76 14.05
CA ASP A 87 -2.74 4.74 14.85
C ASP A 87 -1.24 4.65 14.66
N GLY A 88 -0.82 3.70 13.84
CA GLY A 88 0.61 3.50 13.48
C GLY A 88 0.97 4.20 12.17
N GLY A 89 -0.06 4.61 11.43
CA GLY A 89 0.12 5.23 10.13
C GLY A 89 0.56 4.25 9.06
N SER A 90 1.28 4.79 8.07
CA SER A 90 1.67 4.04 6.90
C SER A 90 3.13 3.67 6.94
N LEU A 91 3.43 2.58 6.26
CA LEU A 91 4.77 2.07 6.25
C LEU A 91 5.76 3.09 5.70
N ASP A 92 5.35 3.92 4.76
CA ASP A 92 6.21 5.01 4.31
C ASP A 92 6.57 5.98 5.45
N GLN A 93 5.60 6.26 6.31
CA GLN A 93 5.83 7.04 7.53
C GLN A 93 6.79 6.38 8.54
N VAL A 94 6.54 5.11 8.87
CA VAL A 94 7.41 4.44 9.82
C VAL A 94 8.84 4.28 9.27
N LEU A 95 8.96 4.18 7.95
CA LEU A 95 10.26 4.06 7.31
C LEU A 95 11.13 5.29 7.51
N LYS A 96 10.52 6.47 7.50
CA LYS A 96 11.28 7.71 7.72
C LYS A 96 11.94 7.62 9.08
N LYS A 97 11.12 7.52 10.12
CA LYS A 97 11.63 7.45 11.47
C LYS A 97 12.53 6.23 11.68
N ALA A 98 12.25 5.14 10.97
CA ALA A 98 12.96 3.89 11.22
C ALA A 98 14.30 3.84 10.50
N GLY A 99 14.49 4.72 9.53
CA GLY A 99 15.65 4.64 8.66
C GLY A 99 15.53 3.43 7.76
N ARG A 100 15.46 2.26 8.37
CA ARG A 100 15.32 0.99 7.66
C ARG A 100 14.33 0.13 8.41
N ILE A 101 13.64 -0.78 7.70
CA ILE A 101 12.82 -1.78 8.37
C ILE A 101 13.50 -3.13 8.28
N PRO A 102 13.73 -3.78 9.43
CA PRO A 102 14.43 -5.07 9.52
C PRO A 102 13.81 -6.18 8.67
N GLU A 103 14.63 -7.12 8.23
CA GLU A 103 14.16 -8.22 7.41
C GLU A 103 13.03 -9.02 8.05
N GLN A 104 13.12 -9.27 9.35
CA GLN A 104 12.13 -10.07 10.05
C GLN A 104 10.77 -9.38 10.00
N ILE A 105 10.79 -8.06 10.14
CA ILE A 105 9.56 -7.28 10.11
C ILE A 105 8.92 -7.26 8.73
N LEU A 106 9.75 -7.07 7.71
CA LEU A 106 9.23 -7.07 6.37
C LEU A 106 8.62 -8.43 6.07
N GLY A 107 9.08 -9.44 6.80
CA GLY A 107 8.61 -10.78 6.57
C GLY A 107 7.16 -10.83 6.99
N LYS A 108 6.88 -10.18 8.12
CA LYS A 108 5.51 -10.18 8.61
C LYS A 108 4.63 -9.31 7.70
N VAL A 109 5.17 -8.16 7.27
CA VAL A 109 4.52 -7.31 6.30
C VAL A 109 4.19 -8.09 5.03
N SER A 110 5.14 -8.84 4.50
CA SER A 110 4.91 -9.60 3.28
C SER A 110 3.75 -10.58 3.44
N ILE A 111 3.69 -11.24 4.59
CA ILE A 111 2.62 -12.16 4.84
C ILE A 111 1.29 -11.41 4.81
N ALA A 112 1.22 -10.30 5.53
CA ALA A 112 0.00 -9.49 5.49
C ALA A 112 -0.42 -9.07 4.06
N VAL A 113 0.49 -8.43 3.35
CA VAL A 113 0.19 -7.95 2.02
C VAL A 113 -0.36 -9.09 1.17
N ILE A 114 0.34 -10.21 1.15
CA ILE A 114 -0.07 -11.33 0.31
C ILE A 114 -1.43 -11.91 0.68
N LYS A 115 -1.79 -11.87 1.96
CA LYS A 115 -3.06 -12.41 2.39
C LYS A 115 -4.17 -11.47 2.02
N GLY A 116 -3.83 -10.18 1.96
CA GLY A 116 -4.79 -9.13 1.57
C GLY A 116 -5.12 -9.19 0.10
N LEU A 117 -4.08 -9.24 -0.73
CA LEU A 117 -4.29 -9.32 -2.15
C LEU A 117 -5.18 -10.53 -2.37
N THR A 118 -4.80 -11.65 -1.75
CA THR A 118 -5.44 -12.93 -1.98
C THR A 118 -6.89 -12.81 -1.60
N TYR A 119 -7.14 -12.17 -0.47
CA TYR A 119 -8.50 -11.98 -0.05
C TYR A 119 -9.29 -11.17 -1.09
N LEU A 120 -8.74 -10.04 -1.52
CA LEU A 120 -9.45 -9.18 -2.47
C LEU A 120 -9.66 -9.92 -3.78
N ARG A 121 -8.69 -10.74 -4.15
CA ARG A 121 -8.76 -11.47 -5.41
C ARG A 121 -9.80 -12.61 -5.38
N GLU A 122 -9.65 -13.54 -4.43
CA GLU A 122 -10.52 -14.71 -4.35
C GLU A 122 -11.97 -14.34 -4.00
N LYS A 123 -12.16 -13.43 -3.07
CA LYS A 123 -13.51 -13.20 -2.57
C LYS A 123 -14.25 -12.03 -3.22
N HIS A 124 -13.53 -11.22 -3.99
CA HIS A 124 -14.11 -10.03 -4.60
C HIS A 124 -13.65 -9.79 -6.05
N LYS A 125 -12.67 -10.54 -6.52
CA LYS A 125 -12.18 -10.41 -7.89
C LYS A 125 -11.70 -9.00 -8.16
N ILE A 126 -10.78 -8.50 -7.33
CA ILE A 126 -10.25 -7.15 -7.57
C ILE A 126 -8.73 -7.03 -7.37
N MET A 127 -8.06 -6.30 -8.26
CA MET A 127 -6.65 -6.02 -8.04
C MET A 127 -6.50 -4.75 -7.21
N HIS A 128 -5.40 -4.63 -6.49
CA HIS A 128 -5.22 -3.47 -5.65
C HIS A 128 -5.03 -2.25 -6.54
N ARG A 129 -3.99 -2.28 -7.37
CA ARG A 129 -3.71 -1.25 -8.37
C ARG A 129 -2.78 -0.16 -7.89
N ASP A 130 -2.55 -0.07 -6.58
CA ASP A 130 -1.73 1.00 -6.01
C ASP A 130 -1.04 0.50 -4.71
N VAL A 131 -0.31 -0.61 -4.82
CA VAL A 131 0.39 -1.13 -3.67
C VAL A 131 1.68 -0.38 -3.53
N LYS A 132 1.93 0.19 -2.35
CA LYS A 132 3.19 0.85 -2.06
C LYS A 132 3.15 1.19 -0.60
N PRO A 133 4.30 1.52 0.02
CA PRO A 133 4.37 1.68 1.47
C PRO A 133 3.26 2.53 2.10
N SER A 134 2.78 3.54 1.38
CA SER A 134 1.83 4.48 1.96
C SER A 134 0.42 3.98 1.90
N ASN A 135 0.18 2.89 1.17
CA ASN A 135 -1.13 2.25 1.15
C ASN A 135 -1.11 0.95 1.95
N ILE A 136 -0.08 0.82 2.81
CA ILE A 136 -0.04 -0.23 3.81
C ILE A 136 -0.06 0.40 5.19
N LEU A 137 -1.14 0.16 5.94
CA LEU A 137 -1.32 0.76 7.26
C LEU A 137 -1.05 -0.21 8.43
N VAL A 138 -0.55 0.33 9.53
CA VAL A 138 -0.25 -0.48 10.72
C VAL A 138 -0.80 0.18 11.99
N ASN A 139 -1.09 -0.62 13.01
CA ASN A 139 -1.55 -0.06 14.29
C ASN A 139 -0.85 -0.70 15.48
N SER A 140 -1.09 -0.12 16.66
CA SER A 140 -0.40 -0.55 17.89
C SER A 140 -0.77 -1.97 18.30
N ARG A 141 -1.91 -2.48 17.82
CA ARG A 141 -2.26 -3.88 18.11
C ARG A 141 -1.47 -4.79 17.21
N GLY A 142 -0.47 -4.25 16.51
CA GLY A 142 0.40 -5.06 15.63
C GLY A 142 -0.16 -5.47 14.27
N GLU A 143 -1.32 -4.92 13.92
CA GLU A 143 -1.99 -5.26 12.65
C GLU A 143 -1.46 -4.50 11.43
N ILE A 144 -1.40 -5.22 10.30
CA ILE A 144 -0.91 -4.68 9.04
C ILE A 144 -2.02 -4.85 8.00
N LYS A 145 -2.44 -3.75 7.40
CA LYS A 145 -3.63 -3.74 6.54
C LYS A 145 -3.43 -2.87 5.31
N LEU A 146 -4.01 -3.30 4.19
CA LEU A 146 -4.01 -2.55 2.94
C LEU A 146 -5.24 -1.65 2.80
N CYS A 147 -5.06 -0.45 2.27
CA CYS A 147 -6.20 0.39 1.89
C CYS A 147 -6.07 0.83 0.44
N ASP A 148 -6.88 1.80 0.05
CA ASP A 148 -6.74 2.49 -1.23
C ASP A 148 -6.63 1.55 -2.44
N PHE A 149 -7.41 0.49 -2.49
CA PHE A 149 -7.36 -0.42 -3.62
C PHE A 149 -8.54 -0.20 -4.56
N GLY A 150 -8.52 -0.90 -5.68
CA GLY A 150 -9.41 -0.55 -6.79
C GLY A 150 -10.79 -1.15 -6.75
N VAL A 151 -11.63 -0.69 -5.82
CA VAL A 151 -13.03 -1.15 -5.79
C VAL A 151 -13.93 -0.54 -6.83
N SER A 152 -13.66 0.70 -7.22
CA SER A 152 -14.63 1.43 -8.04
C SER A 152 -14.13 1.62 -9.46
N GLY A 153 -14.80 0.95 -10.40
CA GLY A 153 -14.46 1.06 -11.81
C GLY A 153 -14.60 2.50 -12.23
N GLN A 154 -15.70 3.13 -11.81
CA GLN A 154 -15.93 4.50 -12.20
C GLN A 154 -14.92 5.42 -11.57
N LEU A 155 -14.39 5.01 -10.41
CA LEU A 155 -13.38 5.83 -9.75
C LEU A 155 -12.05 5.63 -10.43
N ILE A 156 -11.81 4.39 -10.91
CA ILE A 156 -10.61 4.11 -11.67
C ILE A 156 -10.57 5.04 -12.88
N ASP A 157 -11.69 5.11 -13.59
CA ASP A 157 -11.81 6.05 -14.70
C ASP A 157 -11.57 7.46 -14.21
N SER A 158 -12.47 7.96 -13.37
CA SER A 158 -12.46 9.37 -12.99
C SER A 158 -11.22 9.84 -12.23
N MET A 159 -10.14 9.06 -12.25
CA MET A 159 -8.90 9.54 -11.65
C MET A 159 -7.79 9.65 -12.70
N ALA A 160 -7.48 8.54 -13.36
CA ALA A 160 -6.44 8.52 -14.39
C ALA A 160 -6.51 9.73 -15.32
N VAL A 164 0.22 10.31 -11.06
CA VAL A 164 1.62 9.98 -11.31
C VAL A 164 2.58 10.56 -10.24
N GLY A 165 3.78 10.97 -10.65
CA GLY A 165 4.74 11.57 -9.73
C GLY A 165 6.21 11.59 -10.14
N THR A 166 7.06 11.14 -9.22
CA THR A 166 8.50 11.19 -9.34
C THR A 166 9.05 9.80 -8.93
N ARG A 167 8.16 8.97 -8.38
CA ARG A 167 8.49 7.64 -7.91
C ARG A 167 7.35 6.76 -8.38
N SER A 168 7.60 5.90 -9.35
CA SER A 168 6.57 5.03 -9.80
C SER A 168 6.76 3.63 -9.19
N TYR A 169 5.66 3.04 -8.74
CA TYR A 169 5.63 1.65 -8.29
C TYR A 169 4.85 0.84 -9.31
N MET A 170 4.75 1.38 -10.53
CA MET A 170 4.02 0.68 -11.58
C MET A 170 4.92 -0.32 -12.28
N SER A 171 4.37 -1.49 -12.56
CA SER A 171 5.12 -2.51 -13.22
C SER A 171 5.48 -2.08 -14.64
N PRO A 172 6.51 -2.71 -15.20
CA PRO A 172 6.95 -2.37 -16.54
C PRO A 172 5.80 -2.53 -17.51
N GLU A 173 4.97 -3.55 -17.32
CA GLU A 173 3.96 -3.85 -18.33
C GLU A 173 2.87 -2.79 -18.28
N ARG A 174 2.49 -2.42 -17.06
CA ARG A 174 1.47 -1.42 -16.89
C ARG A 174 1.93 -0.06 -17.38
N LEU A 175 3.23 0.24 -17.23
CA LEU A 175 3.77 1.50 -17.74
C LEU A 175 3.73 1.56 -19.28
N GLN A 176 3.70 0.39 -19.91
CA GLN A 176 3.85 0.34 -21.36
C GLN A 176 2.56 0.24 -22.16
N GLY A 177 1.48 -0.21 -21.53
CA GLY A 177 0.27 -0.41 -22.30
C GLY A 177 -0.90 -0.91 -21.49
N THR A 178 -1.97 -1.26 -22.20
CA THR A 178 -3.17 -1.77 -21.58
C THR A 178 -3.04 -3.24 -21.15
N HIS A 179 -1.94 -3.89 -21.53
CA HIS A 179 -1.79 -5.36 -21.37
C HIS A 179 -1.20 -5.75 -20.00
N TYR A 180 -1.96 -5.53 -18.93
CA TYR A 180 -1.53 -5.88 -17.58
C TYR A 180 -2.76 -6.32 -16.76
N SER A 181 -2.53 -6.75 -15.52
CA SER A 181 -3.60 -7.16 -14.63
C SER A 181 -3.04 -7.49 -13.23
N VAL A 182 -3.63 -8.46 -12.53
CA VAL A 182 -3.31 -8.66 -11.11
C VAL A 182 -1.81 -8.86 -10.83
N GLN A 183 -1.12 -9.52 -11.75
CA GLN A 183 0.32 -9.77 -11.63
C GLN A 183 1.09 -8.47 -11.44
N SER A 184 0.40 -7.39 -11.75
CA SER A 184 1.04 -6.10 -11.68
C SER A 184 1.23 -5.69 -10.22
N ASP A 185 0.34 -6.16 -9.34
CA ASP A 185 0.44 -5.86 -7.90
C ASP A 185 1.67 -6.49 -7.26
N ILE A 186 2.12 -7.64 -7.81
CA ILE A 186 3.27 -8.35 -7.27
C ILE A 186 4.49 -7.50 -7.47
N TRP A 187 4.61 -6.91 -8.64
CA TRP A 187 5.75 -6.05 -8.90
C TRP A 187 5.80 -4.94 -7.86
N SER A 188 4.66 -4.29 -7.64
CA SER A 188 4.63 -3.15 -6.71
C SER A 188 5.05 -3.57 -5.32
N MET A 189 4.58 -4.74 -4.90
CA MET A 189 4.95 -5.24 -3.57
C MET A 189 6.46 -5.49 -3.50
N GLY A 190 6.99 -6.11 -4.54
CA GLY A 190 8.41 -6.38 -4.60
C GLY A 190 9.19 -5.12 -4.36
N LEU A 191 8.87 -4.08 -5.14
CA LEU A 191 9.60 -2.80 -5.08
C LEU A 191 9.43 -2.13 -3.73
N SER A 192 8.24 -2.23 -3.18
CA SER A 192 7.98 -1.64 -1.87
C SER A 192 8.87 -2.26 -0.80
N LEU A 193 9.05 -3.59 -0.86
CA LEU A 193 9.90 -4.24 0.13
C LEU A 193 11.36 -3.88 -0.07
N VAL A 194 11.83 -3.85 -1.31
CA VAL A 194 13.23 -3.46 -1.49
C VAL A 194 13.42 -2.03 -1.01
N GLU A 195 12.36 -1.23 -1.04
CA GLU A 195 12.52 0.15 -0.61
C GLU A 195 12.65 0.14 0.90
N MET A 196 11.74 -0.58 1.55
CA MET A 196 11.70 -0.57 2.99
C MET A 196 12.91 -1.26 3.60
N ALA A 197 13.40 -2.29 2.92
CA ALA A 197 14.60 -2.99 3.33
C ALA A 197 15.83 -2.08 3.29
N VAL A 198 15.87 -1.18 2.31
CA VAL A 198 17.07 -0.43 2.02
C VAL A 198 17.08 1.02 2.55
N GLY A 199 15.90 1.61 2.75
CA GLY A 199 15.86 2.96 3.29
C GLY A 199 15.62 4.07 2.27
N ARG A 200 15.63 3.73 0.98
CA ARG A 200 15.23 4.69 -0.05
C ARG A 200 14.68 4.03 -1.31
N TYR A 201 13.95 4.79 -2.11
CA TYR A 201 13.44 4.31 -3.39
C TYR A 201 14.60 3.73 -4.18
N PRO A 202 14.50 2.44 -4.52
CA PRO A 202 15.58 1.61 -5.05
C PRO A 202 15.92 1.83 -6.52
N ILE A 203 15.37 2.86 -7.14
CA ILE A 203 15.72 3.18 -8.51
C ILE A 203 16.05 4.66 -8.67
N PRO A 204 17.27 4.98 -9.14
CA PRO A 204 18.31 4.07 -9.59
C PRO A 204 18.95 3.32 -8.44
N PRO A 205 19.51 2.14 -8.73
CA PRO A 205 20.14 1.33 -7.71
C PRO A 205 21.38 2.04 -7.18
N PRO A 206 21.70 1.82 -5.90
CA PRO A 206 22.87 2.45 -5.27
C PRO A 206 24.20 1.88 -5.78
N ASP A 207 25.20 2.76 -5.95
CA ASP A 207 26.54 2.33 -6.37
C ASP A 207 27.39 1.79 -5.21
N ALA A 208 28.50 1.14 -5.54
CA ALA A 208 29.37 0.52 -4.52
C ALA A 208 29.57 1.48 -3.35
N LYS A 209 29.70 2.77 -3.66
CA LYS A 209 30.00 3.80 -2.67
C LYS A 209 28.87 4.00 -1.65
N GLU A 210 27.68 4.31 -2.15
CA GLU A 210 26.49 4.45 -1.32
C GLU A 210 26.20 3.15 -0.54
N LEU A 211 26.40 2.02 -1.22
CA LEU A 211 26.19 0.69 -0.63
C LEU A 211 26.95 0.51 0.68
N GLU A 212 28.23 0.88 0.65
CA GLU A 212 29.10 0.71 1.80
C GLU A 212 28.83 1.79 2.84
N LEU A 213 28.40 2.96 2.36
CA LEU A 213 28.04 4.08 3.23
C LEU A 213 26.82 3.77 4.07
N MET A 214 25.83 3.10 3.48
CA MET A 214 24.63 2.69 4.21
C MET A 214 24.91 1.50 5.12
N PHE A 215 25.72 0.56 4.63
CA PHE A 215 26.05 -0.65 5.39
C PHE A 215 27.53 -0.69 5.77
N PRO A 246 20.06 13.18 -5.68
CA PRO A 246 19.39 14.04 -6.68
C PRO A 246 18.12 13.42 -7.27
N PRO A 247 17.20 14.26 -7.77
CA PRO A 247 16.01 13.64 -8.36
C PRO A 247 16.34 13.11 -9.77
N MET A 248 15.54 12.16 -10.25
CA MET A 248 15.64 11.73 -11.65
C MET A 248 14.56 12.40 -12.51
N ALA A 249 14.80 12.52 -13.81
CA ALA A 249 13.77 13.08 -14.66
C ALA A 249 12.67 12.05 -14.90
N ILE A 250 11.49 12.50 -15.31
CA ILE A 250 10.36 11.61 -15.41
C ILE A 250 10.59 10.47 -16.40
N PHE A 251 11.11 10.77 -17.58
CA PHE A 251 11.40 9.72 -18.57
C PHE A 251 12.64 8.89 -18.19
N GLU A 252 13.72 9.55 -17.78
CA GLU A 252 14.86 8.86 -17.20
C GLU A 252 14.40 7.73 -16.27
N LEU A 253 13.48 8.02 -15.35
CA LEU A 253 13.02 7.03 -14.37
C LEU A 253 12.26 5.88 -15.03
N LEU A 254 11.21 6.21 -15.79
CA LEU A 254 10.33 5.20 -16.34
C LEU A 254 11.06 4.41 -17.38
N ASP A 255 12.07 5.02 -17.97
CA ASP A 255 12.84 4.34 -18.99
C ASP A 255 13.73 3.32 -18.33
N TYR A 256 14.28 3.68 -17.18
CA TYR A 256 15.08 2.73 -16.43
C TYR A 256 14.24 1.53 -16.06
N ILE A 257 13.09 1.78 -15.42
CA ILE A 257 12.23 0.71 -14.95
C ILE A 257 11.99 -0.30 -16.05
N VAL A 258 11.64 0.17 -17.25
CA VAL A 258 11.18 -0.77 -18.26
C VAL A 258 12.29 -1.32 -19.15
N ASN A 259 13.47 -0.71 -19.10
CA ASN A 259 14.55 -1.12 -20.01
C ASN A 259 15.84 -1.58 -19.35
N GLU A 260 15.97 -1.36 -18.05
CA GLU A 260 17.16 -1.76 -17.33
C GLU A 260 16.83 -2.93 -16.39
N PRO A 261 17.85 -3.58 -15.81
CA PRO A 261 17.51 -4.71 -14.95
C PRO A 261 16.81 -4.21 -13.71
N PRO A 262 15.93 -5.02 -13.11
CA PRO A 262 15.22 -4.65 -11.90
C PRO A 262 16.14 -4.55 -10.69
N PRO A 263 15.70 -3.83 -9.66
CA PRO A 263 16.57 -3.77 -8.50
C PRO A 263 16.62 -5.10 -7.76
N LYS A 264 17.67 -5.25 -6.97
CA LYS A 264 17.93 -6.47 -6.24
C LYS A 264 18.19 -6.04 -4.82
N LEU A 265 17.90 -6.94 -3.88
CA LEU A 265 18.34 -6.74 -2.52
C LEU A 265 19.88 -6.86 -2.52
N PRO A 266 20.57 -5.98 -1.79
CA PRO A 266 22.02 -6.11 -1.78
C PRO A 266 22.38 -7.41 -1.10
N SER A 267 23.39 -8.12 -1.61
CA SER A 267 23.73 -9.41 -1.02
C SER A 267 24.51 -9.29 0.27
N GLY A 268 24.60 -10.40 1.01
CA GLY A 268 25.37 -10.46 2.24
C GLY A 268 24.60 -10.09 3.49
N VAL A 269 23.84 -9.00 3.42
CA VAL A 269 23.16 -8.48 4.61
C VAL A 269 21.66 -8.84 4.67
N PHE A 270 21.22 -9.70 3.76
CA PHE A 270 19.83 -10.19 3.79
C PHE A 270 19.81 -11.67 3.50
N SER A 271 18.94 -12.40 4.17
CA SER A 271 18.88 -13.83 3.99
C SER A 271 18.75 -14.14 2.52
N LEU A 272 19.28 -15.28 2.09
CA LEU A 272 19.19 -15.64 0.68
C LEU A 272 17.74 -15.89 0.29
N GLU A 273 16.90 -16.20 1.27
CA GLU A 273 15.47 -16.45 1.04
C GLU A 273 14.71 -15.16 0.72
N PHE A 274 15.04 -14.09 1.43
CA PHE A 274 14.48 -12.80 1.14
C PHE A 274 14.87 -12.42 -0.29
N GLN A 275 16.16 -12.51 -0.57
CA GLN A 275 16.68 -12.19 -1.89
C GLN A 275 15.94 -12.92 -3.00
N ASP A 276 15.64 -14.20 -2.79
CA ASP A 276 14.97 -14.97 -3.84
C ASP A 276 13.50 -14.52 -3.94
N PHE A 277 12.95 -14.09 -2.81
CA PHE A 277 11.54 -13.74 -2.74
C PHE A 277 11.26 -12.52 -3.62
N VAL A 278 11.90 -11.40 -3.29
CA VAL A 278 11.81 -10.20 -4.10
C VAL A 278 12.24 -10.43 -5.56
N ASN A 279 13.30 -11.22 -5.77
CA ASN A 279 13.71 -11.51 -7.14
C ASN A 279 12.60 -12.19 -7.93
N LYS A 280 11.87 -13.08 -7.25
CA LYS A 280 10.75 -13.76 -7.86
C LYS A 280 9.61 -12.77 -8.08
N CYS A 281 9.64 -11.66 -7.36
CA CYS A 281 8.59 -10.65 -7.42
C CYS A 281 8.87 -9.65 -8.53
N LEU A 282 10.15 -9.37 -8.72
CA LEU A 282 10.59 -8.26 -9.53
C LEU A 282 11.01 -8.70 -10.91
N ILE A 283 10.36 -9.73 -11.43
CA ILE A 283 10.71 -10.26 -12.74
C ILE A 283 9.90 -9.52 -13.80
N LYS A 284 10.60 -8.92 -14.76
CA LYS A 284 9.96 -7.98 -15.67
C LYS A 284 8.78 -8.56 -16.42
N ASN A 285 8.78 -9.87 -16.63
CA ASN A 285 7.73 -10.46 -17.45
C ASN A 285 6.58 -10.95 -16.58
N PRO A 286 5.39 -10.40 -16.80
CA PRO A 286 4.27 -10.71 -15.91
C PRO A 286 3.97 -12.21 -15.78
N ALA A 287 4.04 -12.95 -16.87
CA ALA A 287 3.70 -14.37 -16.80
C ALA A 287 4.81 -15.20 -16.17
N GLU A 288 6.06 -14.76 -16.30
CA GLU A 288 7.17 -15.47 -15.68
C GLU A 288 7.24 -15.15 -14.18
N ARG A 289 6.81 -13.95 -13.81
CA ARG A 289 6.82 -13.47 -12.43
C ARG A 289 6.00 -14.41 -11.56
N ALA A 290 6.29 -14.44 -10.26
CA ALA A 290 5.51 -15.28 -9.35
C ALA A 290 4.09 -14.76 -9.23
N ASP A 291 3.18 -15.60 -8.76
CA ASP A 291 1.85 -15.12 -8.43
C ASP A 291 1.62 -15.39 -6.97
N LEU A 292 0.42 -15.11 -6.49
CA LEU A 292 0.13 -15.15 -5.07
C LEU A 292 0.24 -16.57 -4.53
N LYS A 293 -0.36 -17.51 -5.25
CA LYS A 293 -0.26 -18.93 -4.94
C LYS A 293 1.17 -19.34 -4.57
N GLN A 294 2.11 -19.05 -5.46
CA GLN A 294 3.50 -19.47 -5.29
C GLN A 294 4.22 -18.71 -4.20
N LEU A 295 3.99 -17.42 -4.13
CA LEU A 295 4.59 -16.61 -3.08
C LEU A 295 4.10 -17.06 -1.70
N MET A 296 2.90 -17.62 -1.65
CA MET A 296 2.35 -18.03 -0.36
C MET A 296 3.08 -19.22 0.26
N VAL A 297 3.79 -19.99 -0.55
CA VAL A 297 4.45 -21.21 -0.08
C VAL A 297 5.97 -21.18 -0.33
N HIS A 298 6.53 -19.97 -0.36
CA HIS A 298 7.93 -19.75 -0.68
C HIS A 298 8.74 -19.72 0.61
N ALA A 299 9.99 -20.17 0.55
CA ALA A 299 10.82 -20.33 1.75
C ALA A 299 10.68 -19.18 2.74
N PHE A 300 10.82 -17.95 2.25
CA PHE A 300 10.84 -16.75 3.11
C PHE A 300 9.53 -16.57 3.89
N ILE A 301 8.41 -16.93 3.25
CA ILE A 301 7.10 -16.90 3.92
C ILE A 301 7.05 -17.94 5.04
N LYS A 302 7.28 -19.20 4.68
CA LYS A 302 7.27 -20.29 5.63
C LYS A 302 8.19 -19.96 6.79
N ARG A 303 9.41 -19.55 6.48
CA ARG A 303 10.32 -19.13 7.54
C ARG A 303 9.75 -17.97 8.37
N SER A 304 9.15 -16.96 7.72
CA SER A 304 8.59 -15.83 8.46
C SER A 304 7.35 -16.24 9.22
N ASP A 305 6.57 -17.10 8.60
CA ASP A 305 5.39 -17.66 9.25
C ASP A 305 5.76 -18.23 10.62
N ALA A 306 6.77 -19.09 10.65
CA ALA A 306 7.22 -19.70 11.90
C ALA A 306 7.67 -18.65 12.93
N GLU A 307 8.46 -17.69 12.49
CA GLU A 307 9.17 -16.80 13.40
C GLU A 307 8.32 -16.06 14.43
N GLU A 308 8.92 -15.78 15.58
CA GLU A 308 8.25 -15.13 16.69
C GLU A 308 8.81 -13.71 16.85
N VAL A 309 8.00 -12.71 16.54
CA VAL A 309 8.46 -11.33 16.65
C VAL A 309 7.37 -10.47 17.28
N ASP A 310 7.79 -9.47 18.05
CA ASP A 310 6.84 -8.54 18.62
C ASP A 310 6.75 -7.28 17.74
N PHE A 311 5.96 -7.40 16.66
CA PHE A 311 5.76 -6.27 15.76
C PHE A 311 5.19 -5.09 16.51
N ALA A 312 4.12 -5.34 17.28
CA ALA A 312 3.53 -4.29 18.12
C ALA A 312 4.62 -3.61 18.93
N GLY A 313 5.52 -4.42 19.49
CA GLY A 313 6.64 -3.90 20.25
C GLY A 313 7.60 -3.08 19.42
N TRP A 314 8.07 -3.65 18.30
CA TRP A 314 9.02 -2.95 17.46
C TRP A 314 8.47 -1.63 16.94
N LEU A 315 7.19 -1.64 16.59
CA LEU A 315 6.53 -0.49 16.01
C LEU A 315 6.51 0.70 16.96
N CYS A 316 6.06 0.46 18.19
CA CYS A 316 5.92 1.53 19.16
C CYS A 316 7.27 2.02 19.64
N SER A 317 8.15 1.06 19.88
CA SER A 317 9.56 1.34 20.12
C SER A 317 10.08 2.38 19.11
N THR A 318 9.98 2.08 17.82
CA THR A 318 10.55 2.95 16.80
C THR A 318 9.78 4.25 16.50
N ILE A 319 8.49 4.30 16.81
CA ILE A 319 7.73 5.56 16.55
C ILE A 319 7.14 6.23 17.79
N GLY A 320 7.43 5.69 18.98
CA GLY A 320 6.99 6.30 20.25
C GLY A 320 5.49 6.44 20.45
N LEU A 321 4.83 5.36 20.85
CA LEU A 321 3.38 5.35 20.97
C LEU A 321 2.91 4.56 22.20
N ASN A 322 3.35 3.31 22.30
CA ASN A 322 2.94 2.41 23.38
C ASN A 322 3.33 2.93 24.77
#